data_2X5Q
#
_entry.id   2X5Q
#
_cell.length_a   127.933
_cell.length_b   46.183
_cell.length_c   62.574
_cell.angle_alpha   90.00
_cell.angle_beta   109.26
_cell.angle_gamma   90.00
#
_symmetry.space_group_name_H-M   'C 1 2 1'
#
loop_
_entity.id
_entity.type
_entity.pdbx_description
1 polymer SSO1986
2 water water
#
_entity_poly.entity_id   1
_entity_poly.type   'polypeptide(L)'
_entity_poly.pdbx_seq_one_letter_code
;GMTSGAGWEEQVFLPITNSISSEDNNQIKIGSSVSIEYNQNGQHVSQIDDKGLHNILVLTGYAIDESTGELVPTFDPCDY
VKGILISGKILKGNHFKIIGIPSNKLYIIRKKDVHGNITFSLPIKNFNTGTYQVDLRDKVTSFVSLDRDVAKTIVDNVLA
KIYAKIYNSLNKEQKDKLYRDVEEIFNYYSIKSLKSNP
;
_entity_poly.pdbx_strand_id   A,B
#
# COMPACT_ATOMS: atom_id res chain seq x y z
N TRP A 8 9.97 -20.65 -7.38
CA TRP A 8 9.87 -19.62 -8.45
C TRP A 8 11.18 -18.85 -8.57
N GLU A 9 11.64 -18.66 -9.80
CA GLU A 9 12.67 -17.67 -10.09
C GLU A 9 12.20 -16.29 -9.63
N GLU A 10 13.14 -15.42 -9.27
CA GLU A 10 12.80 -14.05 -8.91
C GLU A 10 12.06 -13.37 -10.07
N GLN A 11 11.02 -12.62 -9.74
CA GLN A 11 10.18 -11.96 -10.75
C GLN A 11 10.32 -10.44 -10.72
N VAL A 12 9.88 -9.80 -11.79
CA VAL A 12 9.77 -8.35 -11.85
C VAL A 12 8.33 -8.02 -12.26
N PHE A 13 7.74 -7.02 -11.62
CA PHE A 13 6.44 -6.48 -12.02
C PHE A 13 6.60 -5.57 -13.20
N LEU A 14 5.95 -5.96 -14.29
CA LEU A 14 5.95 -5.15 -15.51
C LEU A 14 4.60 -4.47 -15.57
N PRO A 15 4.55 -3.16 -15.24
CA PRO A 15 3.30 -2.42 -15.43
C PRO A 15 2.88 -2.37 -16.89
N ILE A 16 1.61 -2.65 -17.16
CA ILE A 16 1.09 -2.53 -18.52
C ILE A 16 0.35 -1.19 -18.66
N THR A 17 0.99 -0.23 -19.32
CA THR A 17 0.42 1.10 -19.55
C THR A 17 0.45 1.43 -21.02
N ASN A 18 -0.15 2.58 -21.40
CA ASN A 18 -0.07 3.09 -22.77
C ASN A 18 1.32 3.52 -23.24
N SER A 19 2.30 3.59 -22.34
CA SER A 19 3.62 4.14 -22.68
C SER A 19 4.78 3.15 -22.76
N ILE A 20 4.52 1.87 -22.45
CA ILE A 20 5.59 0.89 -22.48
C ILE A 20 5.95 0.57 -23.92
N SER A 21 7.20 0.18 -24.14
CA SER A 21 7.67 -0.18 -25.46
C SER A 21 8.75 -1.24 -25.33
N SER A 22 8.81 -2.14 -26.29
CA SER A 22 9.90 -3.09 -26.38
C SER A 22 11.18 -2.35 -26.80
N GLU A 23 12.30 -2.70 -26.18
CA GLU A 23 13.60 -2.17 -26.58
C GLU A 23 14.49 -3.32 -26.97
N ASP A 24 15.52 -3.01 -27.75
CA ASP A 24 16.36 -4.03 -28.36
C ASP A 24 16.89 -5.01 -27.31
N ASN A 25 16.83 -6.29 -27.64
CA ASN A 25 17.41 -7.34 -26.80
C ASN A 25 16.75 -7.46 -25.43
N ASN A 26 15.66 -8.23 -25.39
CA ASN A 26 14.96 -8.63 -24.17
C ASN A 26 14.74 -7.56 -23.10
N GLN A 27 14.54 -6.31 -23.52
CA GLN A 27 14.26 -5.23 -22.59
C GLN A 27 12.97 -4.48 -22.91
N ILE A 28 12.28 -4.06 -21.87
CA ILE A 28 11.06 -3.31 -22.01
C ILE A 28 11.24 -1.98 -21.29
N LYS A 29 11.12 -0.89 -22.04
CA LYS A 29 11.11 0.45 -21.46
C LYS A 29 9.72 0.69 -20.86
N ILE A 30 9.67 0.92 -19.55
CA ILE A 30 8.40 1.22 -18.89
C ILE A 30 8.13 2.72 -18.98
N GLY A 31 9.18 3.51 -18.80
CA GLY A 31 9.12 4.93 -19.07
C GLY A 31 10.52 5.47 -19.12
N SER A 32 10.65 6.79 -19.04
CA SER A 32 11.95 7.44 -19.18
C SER A 32 12.96 6.97 -18.13
N SER A 33 12.48 6.62 -16.94
CA SER A 33 13.36 6.31 -15.81
C SER A 33 13.44 4.82 -15.44
N VAL A 34 12.60 3.99 -16.07
CA VAL A 34 12.51 2.58 -15.72
C VAL A 34 12.62 1.66 -16.98
N SER A 35 13.61 0.76 -16.93
CA SER A 35 13.75 -0.28 -17.94
C SER A 35 13.90 -1.65 -17.26
N ILE A 36 13.20 -2.62 -17.82
CA ILE A 36 13.14 -3.98 -17.30
C ILE A 36 13.74 -4.95 -18.34
N GLU A 37 14.49 -5.93 -17.86
CA GLU A 37 14.98 -7.01 -18.69
C GLU A 37 14.21 -8.26 -18.29
N TYR A 38 13.91 -9.13 -19.23
CA TYR A 38 13.30 -10.40 -18.89
C TYR A 38 14.17 -11.54 -19.40
N ASN A 39 14.02 -12.68 -18.73
CA ASN A 39 14.79 -13.84 -19.08
C ASN A 39 13.98 -14.63 -20.11
N GLN A 40 14.49 -14.70 -21.34
CA GLN A 40 13.75 -15.34 -22.43
C GLN A 40 13.41 -16.80 -22.11
N ASN A 41 14.28 -17.48 -21.38
CA ASN A 41 14.00 -18.85 -20.95
C ASN A 41 13.69 -18.97 -19.47
N GLY A 42 13.28 -17.88 -18.84
CA GLY A 42 12.91 -17.92 -17.41
C GLY A 42 11.50 -18.42 -17.23
N GLN A 43 11.15 -18.80 -16.00
CA GLN A 43 9.80 -19.26 -15.66
C GLN A 43 9.03 -18.06 -15.14
N HIS A 44 8.00 -17.67 -15.89
CA HIS A 44 7.21 -16.48 -15.58
C HIS A 44 5.96 -16.87 -14.81
N VAL A 45 5.62 -16.09 -13.78
CA VAL A 45 4.40 -16.29 -13.02
C VAL A 45 3.17 -16.01 -13.87
N SER A 46 3.16 -14.86 -14.54
CA SER A 46 2.13 -14.56 -15.53
C SER A 46 2.33 -15.43 -16.76
N GLN A 47 1.23 -15.95 -17.29
CA GLN A 47 1.26 -16.99 -18.31
C GLN A 47 0.25 -16.73 -19.42
N ILE A 48 0.59 -17.08 -20.64
CA ILE A 48 -0.40 -17.13 -21.72
C ILE A 48 -0.57 -18.57 -22.20
N ASP A 49 -1.77 -18.90 -22.65
CA ASP A 49 -2.05 -20.22 -23.20
C ASP A 49 -3.23 -20.08 -24.15
N ASP A 50 -3.82 -21.20 -24.58
CA ASP A 50 -4.94 -21.16 -25.51
C ASP A 50 -6.23 -20.52 -24.95
N LYS A 51 -6.24 -20.20 -23.65
CA LYS A 51 -7.40 -19.54 -23.02
C LYS A 51 -7.19 -18.06 -22.72
N GLY A 52 -5.96 -17.57 -22.94
CA GLY A 52 -5.62 -16.17 -22.82
C GLY A 52 -4.49 -15.91 -21.84
N LEU A 53 -4.54 -14.74 -21.21
CA LEU A 53 -3.54 -14.28 -20.27
C LEU A 53 -3.96 -14.63 -18.83
N HIS A 54 -2.99 -15.02 -18.01
CA HIS A 54 -3.25 -15.49 -16.63
C HIS A 54 -2.28 -14.93 -15.62
N ASN A 55 -2.72 -14.87 -14.37
CA ASN A 55 -1.91 -14.45 -13.23
C ASN A 55 -1.43 -13.01 -13.34
N ILE A 56 -2.38 -12.11 -13.34
CA ILE A 56 -2.12 -10.68 -13.43
C ILE A 56 -2.12 -10.09 -12.01
N LEU A 57 -1.06 -9.34 -11.67
CA LEU A 57 -1.00 -8.71 -10.36
C LEU A 57 -1.66 -7.32 -10.36
N VAL A 58 -2.55 -7.11 -9.41
CA VAL A 58 -3.22 -5.82 -9.24
C VAL A 58 -2.60 -5.18 -8.02
N LEU A 59 -1.85 -4.10 -8.24
CA LEU A 59 -1.20 -3.41 -7.13
C LEU A 59 -2.06 -2.28 -6.66
N THR A 60 -2.83 -2.49 -5.59
CA THR A 60 -3.73 -1.46 -5.06
C THR A 60 -2.95 -0.49 -4.15
N GLY A 61 -3.47 0.72 -3.93
CA GLY A 61 -2.75 1.75 -3.18
C GLY A 61 -1.55 2.34 -3.93
N TYR A 62 -1.52 2.14 -5.25
CA TYR A 62 -0.47 2.62 -6.15
C TYR A 62 -1.04 3.23 -7.43
N ALA A 63 -0.36 4.25 -7.93
CA ALA A 63 -0.58 4.78 -9.27
C ALA A 63 0.80 4.84 -9.96
N ILE A 64 0.80 5.07 -11.27
CA ILE A 64 2.05 5.12 -12.03
C ILE A 64 2.25 6.52 -12.58
N ASP A 65 3.49 7.00 -12.48
CA ASP A 65 3.88 8.22 -13.16
C ASP A 65 4.18 7.72 -14.57
N GLU A 66 3.21 7.89 -15.47
CA GLU A 66 3.30 7.24 -16.76
C GLU A 66 4.53 7.60 -17.58
N SER A 67 4.94 8.87 -17.53
CA SER A 67 6.11 9.30 -18.29
C SER A 67 7.41 8.68 -17.79
N THR A 68 7.58 8.55 -16.47
CA THR A 68 8.82 8.01 -15.92
C THR A 68 8.83 6.49 -15.82
N GLY A 69 7.64 5.91 -15.62
CA GLY A 69 7.47 4.46 -15.49
C GLY A 69 7.52 3.97 -14.05
N GLU A 70 7.62 4.92 -13.11
CA GLU A 70 7.75 4.62 -11.70
C GLU A 70 6.39 4.57 -11.02
N LEU A 71 6.18 3.53 -10.23
CA LEU A 71 4.99 3.43 -9.39
C LEU A 71 5.10 4.36 -8.18
N VAL A 72 3.96 4.92 -7.78
CA VAL A 72 3.89 5.86 -6.67
C VAL A 72 2.83 5.42 -5.66
N PRO A 73 3.22 5.25 -4.39
CA PRO A 73 2.22 4.87 -3.40
C PRO A 73 1.33 6.07 -3.09
N THR A 74 0.03 5.90 -3.26
CA THR A 74 -0.93 6.98 -3.13
C THR A 74 -1.75 6.93 -1.84
N PHE A 75 -1.70 5.79 -1.16
CA PHE A 75 -2.45 5.60 0.09
C PHE A 75 -3.96 5.77 -0.11
N ASP A 76 -4.41 5.36 -1.30
CA ASP A 76 -5.82 5.35 -1.67
C ASP A 76 -6.06 3.93 -2.20
N PRO A 77 -6.78 3.09 -1.44
CA PRO A 77 -6.95 1.69 -1.86
C PRO A 77 -7.74 1.49 -3.15
N CYS A 78 -8.48 2.51 -3.57
CA CYS A 78 -9.18 2.47 -4.85
C CYS A 78 -8.25 2.78 -6.05
N ASP A 79 -7.02 3.22 -5.79
CA ASP A 79 -6.00 3.32 -6.85
C ASP A 79 -5.38 1.95 -7.07
N TYR A 80 -5.06 1.64 -8.33
CA TYR A 80 -4.30 0.45 -8.66
C TYR A 80 -3.56 0.60 -9.97
N VAL A 81 -2.51 -0.21 -10.10
CA VAL A 81 -1.86 -0.43 -11.38
C VAL A 81 -1.79 -1.95 -11.53
N LYS A 82 -2.09 -2.46 -12.72
CA LYS A 82 -1.96 -3.90 -13.00
C LYS A 82 -0.74 -4.15 -13.87
N GLY A 83 -0.21 -5.37 -13.76
CA GLY A 83 0.92 -5.78 -14.56
C GLY A 83 1.10 -7.28 -14.53
N ILE A 84 2.13 -7.73 -15.23
CA ILE A 84 2.44 -9.15 -15.25
C ILE A 84 3.70 -9.33 -14.45
N LEU A 85 3.89 -10.56 -13.98
CA LEU A 85 5.08 -10.93 -13.28
C LEU A 85 5.83 -11.90 -14.16
N ILE A 86 7.08 -11.54 -14.46
CA ILE A 86 7.91 -12.32 -15.36
C ILE A 86 9.29 -12.48 -14.75
N SER A 87 9.99 -13.55 -15.13
CA SER A 87 11.38 -13.73 -14.70
C SER A 87 12.28 -12.68 -15.35
N GLY A 88 12.96 -11.92 -14.51
CA GLY A 88 13.71 -10.78 -14.99
C GLY A 88 14.09 -9.84 -13.88
N LYS A 89 14.50 -8.63 -14.26
CA LYS A 89 14.96 -7.67 -13.29
C LYS A 89 14.87 -6.23 -13.79
N ILE A 90 14.80 -5.30 -12.86
CA ILE A 90 14.82 -3.88 -13.16
C ILE A 90 16.28 -3.51 -13.43
N LEU A 91 16.57 -3.09 -14.66
CA LEU A 91 17.94 -2.72 -15.07
C LEU A 91 18.25 -1.26 -14.82
N LYS A 92 17.24 -0.41 -14.96
CA LYS A 92 17.39 1.00 -14.66
C LYS A 92 16.15 1.43 -13.89
N GLY A 93 16.38 2.17 -12.80
CA GLY A 93 15.29 2.60 -11.93
C GLY A 93 15.43 2.03 -10.53
N ASN A 94 14.69 2.64 -9.60
CA ASN A 94 14.65 2.19 -8.23
C ASN A 94 13.76 0.99 -8.14
N HIS A 95 14.21 -0.03 -7.41
CA HIS A 95 13.43 -1.24 -7.23
C HIS A 95 13.17 -1.49 -5.75
N PHE A 96 11.96 -1.95 -5.46
CA PHE A 96 11.60 -2.39 -4.13
C PHE A 96 11.31 -3.89 -4.25
N LYS A 97 11.94 -4.69 -3.41
CA LYS A 97 11.85 -6.14 -3.53
C LYS A 97 10.99 -6.72 -2.42
N ILE A 98 10.02 -7.56 -2.81
CA ILE A 98 9.25 -8.35 -1.87
C ILE A 98 9.81 -9.76 -1.87
N ILE A 99 10.26 -10.24 -0.71
CA ILE A 99 10.99 -11.51 -0.62
C ILE A 99 10.14 -12.63 -0.02
N GLY A 100 9.90 -13.65 -0.83
CA GLY A 100 9.25 -14.87 -0.38
C GLY A 100 7.83 -14.71 0.15
N ILE A 101 7.05 -13.82 -0.45
CA ILE A 101 5.66 -13.67 -0.04
C ILE A 101 4.85 -14.88 -0.54
N PRO A 102 4.03 -15.46 0.34
CA PRO A 102 3.06 -16.47 -0.07
C PRO A 102 2.20 -15.96 -1.21
N SER A 103 2.13 -16.72 -2.28
CA SER A 103 1.42 -16.29 -3.46
C SER A 103 -0.06 -16.08 -3.17
N ASN A 104 -0.59 -16.86 -2.22
CA ASN A 104 -1.97 -16.69 -1.77
C ASN A 104 -2.25 -15.32 -1.09
N LYS A 105 -1.18 -14.59 -0.78
CA LYS A 105 -1.27 -13.27 -0.16
C LYS A 105 -1.44 -12.18 -1.20
N LEU A 106 -1.00 -12.46 -2.42
CA LEU A 106 -0.97 -11.45 -3.47
C LEU A 106 -2.31 -11.29 -4.16
N TYR A 107 -2.54 -10.09 -4.68
CA TYR A 107 -3.77 -9.77 -5.40
C TYR A 107 -3.62 -10.12 -6.89
N ILE A 108 -3.77 -11.41 -7.18
CA ILE A 108 -3.57 -11.95 -8.51
C ILE A 108 -4.93 -12.27 -9.11
N ILE A 109 -5.20 -11.79 -10.33
CA ILE A 109 -6.45 -12.15 -11.02
C ILE A 109 -6.20 -13.04 -12.23
N ARG A 110 -7.27 -13.68 -12.72
CA ARG A 110 -7.20 -14.67 -13.78
C ARG A 110 -6.21 -15.75 -13.34
N LYS A 111 -6.39 -16.27 -12.14
CA LYS A 111 -5.40 -17.18 -11.52
C LYS A 111 -5.29 -18.50 -12.26
N LYS A 112 -4.07 -18.95 -12.51
CA LYS A 112 -3.81 -20.25 -13.13
C LYS A 112 -2.57 -20.88 -12.50
N ASP A 113 -2.75 -22.03 -11.85
CA ASP A 113 -1.62 -22.77 -11.28
C ASP A 113 -0.61 -21.84 -10.59
N VAL A 114 -1.11 -21.14 -9.57
CA VAL A 114 -0.28 -20.28 -8.72
C VAL A 114 -0.11 -20.99 -7.38
N HIS A 115 1.11 -20.98 -6.88
CA HIS A 115 1.43 -21.80 -5.72
C HIS A 115 2.76 -21.35 -5.16
N GLY A 116 2.96 -21.61 -3.88
CA GLY A 116 4.23 -21.38 -3.26
C GLY A 116 4.53 -19.93 -3.07
N ASN A 117 5.81 -19.67 -2.81
CA ASN A 117 6.28 -18.35 -2.45
C ASN A 117 6.90 -17.68 -3.65
N ILE A 118 6.68 -16.37 -3.76
CA ILE A 118 7.18 -15.55 -4.84
C ILE A 118 8.06 -14.42 -4.29
N THR A 119 9.22 -14.24 -4.90
CA THR A 119 10.03 -13.03 -4.72
C THR A 119 9.89 -12.18 -5.98
N PHE A 120 9.58 -10.91 -5.81
CA PHE A 120 9.42 -10.02 -6.96
C PHE A 120 9.79 -8.58 -6.63
N SER A 121 10.17 -7.84 -7.65
CA SER A 121 10.55 -6.43 -7.50
C SER A 121 9.61 -5.50 -8.29
N LEU A 122 9.35 -4.31 -7.72
CA LEU A 122 8.52 -3.26 -8.31
C LEU A 122 9.39 -2.05 -8.61
N PRO A 123 9.14 -1.35 -9.74
CA PRO A 123 9.79 -0.06 -10.04
C PRO A 123 9.09 1.12 -9.34
N ILE A 124 9.73 1.69 -8.31
CA ILE A 124 9.11 2.77 -7.50
C ILE A 124 9.87 4.11 -7.52
N LYS A 125 9.16 5.17 -7.18
CA LYS A 125 9.77 6.50 -6.92
C LYS A 125 8.72 7.58 -7.01
N GLN A 133 10.05 9.27 1.65
CA GLN A 133 9.09 10.33 1.44
C GLN A 133 8.33 10.17 0.14
N VAL A 134 7.05 10.53 0.17
CA VAL A 134 6.28 10.71 -1.04
C VAL A 134 5.51 12.03 -0.96
N ASP A 135 5.58 12.82 -2.02
CA ASP A 135 4.94 14.12 -2.10
C ASP A 135 3.71 14.03 -2.99
N LEU A 136 2.54 14.17 -2.39
CA LEU A 136 1.28 14.05 -3.13
C LEU A 136 0.56 15.40 -3.21
N ARG A 137 1.33 16.48 -3.02
CA ARG A 137 0.79 17.83 -3.18
C ARG A 137 0.56 18.13 -4.66
N ASP A 138 -0.59 18.67 -4.98
CA ASP A 138 -0.80 19.27 -6.29
C ASP A 138 -0.74 18.25 -7.42
N LYS A 139 -1.23 17.04 -7.13
CA LYS A 139 -1.15 15.92 -8.07
C LYS A 139 -2.51 15.26 -8.20
N VAL A 140 -2.82 14.82 -9.42
CA VAL A 140 -4.12 14.21 -9.70
C VAL A 140 -3.88 12.81 -10.21
N THR A 141 -4.68 11.87 -9.70
CA THR A 141 -4.65 10.49 -10.15
C THR A 141 -5.90 10.26 -11.00
N SER A 142 -5.72 9.57 -12.12
CA SER A 142 -6.79 9.41 -13.08
C SER A 142 -6.85 8.00 -13.54
N PHE A 143 -8.09 7.53 -13.72
CA PHE A 143 -8.34 6.22 -14.28
C PHE A 143 -8.02 6.25 -15.78
N VAL A 144 -7.21 5.29 -16.22
CA VAL A 144 -6.83 5.18 -17.62
C VAL A 144 -7.12 3.78 -18.12
N SER A 145 -7.65 3.67 -19.33
CA SER A 145 -7.77 2.38 -20.00
C SER A 145 -6.81 2.36 -21.18
N LEU A 146 -6.48 1.16 -21.66
CA LEU A 146 -5.57 1.05 -22.79
C LEU A 146 -6.26 1.52 -24.07
N ASP A 147 -5.60 2.40 -24.82
CA ASP A 147 -6.00 2.70 -26.18
C ASP A 147 -5.94 1.39 -26.98
N ARG A 148 -6.89 1.18 -27.89
CA ARG A 148 -7.04 -0.12 -28.54
C ARG A 148 -5.96 -0.41 -29.58
N ASP A 149 -5.44 0.64 -30.22
CA ASP A 149 -4.27 0.50 -31.09
C ASP A 149 -3.05 0.14 -30.24
N VAL A 150 -2.82 0.86 -29.14
CA VAL A 150 -1.68 0.55 -28.25
C VAL A 150 -1.76 -0.87 -27.67
N ALA A 151 -2.96 -1.33 -27.34
CA ALA A 151 -3.12 -2.70 -26.83
C ALA A 151 -2.64 -3.75 -27.85
N LYS A 152 -2.87 -3.47 -29.12
CA LYS A 152 -2.40 -4.34 -30.21
C LYS A 152 -0.88 -4.35 -30.25
N THR A 153 -0.25 -3.17 -30.14
CA THR A 153 1.22 -3.09 -30.10
C THR A 153 1.77 -3.77 -28.84
N ILE A 154 1.04 -3.69 -27.73
CA ILE A 154 1.47 -4.41 -26.52
C ILE A 154 1.47 -5.92 -26.74
N VAL A 155 0.43 -6.42 -27.41
CA VAL A 155 0.38 -7.85 -27.75
C VAL A 155 1.44 -8.23 -28.78
N ASP A 156 1.61 -7.43 -29.83
CA ASP A 156 2.50 -7.77 -30.95
C ASP A 156 3.98 -7.52 -30.68
N ASN A 157 4.27 -6.50 -29.89
CA ASN A 157 5.64 -6.08 -29.63
C ASN A 157 6.13 -6.46 -28.24
N VAL A 158 5.23 -6.70 -27.29
CA VAL A 158 5.65 -7.01 -25.92
C VAL A 158 5.36 -8.46 -25.56
N LEU A 159 4.10 -8.84 -25.44
CA LEU A 159 3.76 -10.21 -25.05
C LEU A 159 4.26 -11.26 -26.05
N ALA A 160 4.25 -10.92 -27.33
CA ALA A 160 4.73 -11.81 -28.38
C ALA A 160 6.26 -11.95 -28.36
N LYS A 161 6.96 -11.05 -27.69
CA LYS A 161 8.40 -11.19 -27.52
C LYS A 161 8.72 -12.00 -26.27
N ILE A 162 8.09 -11.65 -25.16
CA ILE A 162 8.29 -12.35 -23.89
C ILE A 162 7.84 -13.80 -24.04
N TYR A 163 6.65 -14.00 -24.59
CA TYR A 163 6.07 -15.33 -24.76
C TYR A 163 6.06 -15.72 -26.23
N ALA A 164 7.20 -15.53 -26.90
CA ALA A 164 7.36 -15.81 -28.35
C ALA A 164 6.91 -17.21 -28.78
N LYS A 165 7.39 -18.24 -28.09
CA LYS A 165 7.08 -19.61 -28.48
C LYS A 165 5.59 -19.95 -28.33
N ILE A 166 5.05 -19.66 -27.16
CA ILE A 166 3.63 -19.89 -26.93
C ILE A 166 2.79 -19.11 -27.94
N TYR A 167 3.10 -17.82 -28.11
CA TYR A 167 2.33 -16.93 -28.96
C TYR A 167 2.29 -17.38 -30.42
N ASN A 168 3.46 -17.77 -30.94
CA ASN A 168 3.60 -18.26 -32.31
C ASN A 168 2.84 -19.56 -32.53
N SER A 169 2.57 -20.31 -31.45
CA SER A 169 1.80 -21.55 -31.54
C SER A 169 0.28 -21.29 -31.60
N LEU A 170 -0.16 -20.09 -31.21
CA LEU A 170 -1.58 -19.77 -31.17
C LEU A 170 -2.16 -19.53 -32.58
N ASN A 171 -3.40 -19.97 -32.79
CA ASN A 171 -4.13 -19.64 -34.00
C ASN A 171 -4.72 -18.24 -33.86
N LYS A 172 -5.46 -17.80 -34.88
CA LYS A 172 -5.91 -16.43 -34.96
C LYS A 172 -6.92 -16.09 -33.86
N GLU A 173 -7.88 -16.98 -33.68
CA GLU A 173 -8.87 -16.86 -32.59
C GLU A 173 -8.22 -16.74 -31.21
N GLN A 174 -7.16 -17.50 -30.98
CA GLN A 174 -6.47 -17.48 -29.70
C GLN A 174 -5.70 -16.16 -29.53
N LYS A 175 -5.01 -15.73 -30.58
CA LYS A 175 -4.29 -14.46 -30.54
C LYS A 175 -5.26 -13.30 -30.29
N ASP A 176 -6.43 -13.35 -30.90
CA ASP A 176 -7.44 -12.31 -30.70
C ASP A 176 -7.99 -12.34 -29.27
N LYS A 177 -8.08 -13.53 -28.67
CA LYS A 177 -8.48 -13.66 -27.26
C LYS A 177 -7.50 -12.91 -26.36
N LEU A 178 -6.20 -13.11 -26.60
CA LEU A 178 -5.13 -12.43 -25.89
C LEU A 178 -5.23 -10.91 -26.03
N TYR A 179 -5.50 -10.43 -27.24
CA TYR A 179 -5.76 -9.00 -27.44
C TYR A 179 -6.97 -8.54 -26.63
N ARG A 180 -8.08 -9.26 -26.73
CA ARG A 180 -9.26 -8.88 -25.96
C ARG A 180 -8.92 -8.83 -24.46
N ASP A 181 -8.28 -9.87 -23.95
CA ASP A 181 -7.81 -9.90 -22.55
C ASP A 181 -7.05 -8.63 -22.18
N VAL A 182 -6.05 -8.29 -22.99
CA VAL A 182 -5.22 -7.11 -22.72
C VAL A 182 -6.05 -5.84 -22.66
N GLU A 183 -6.97 -5.68 -23.61
CA GLU A 183 -7.81 -4.50 -23.63
C GLU A 183 -8.80 -4.46 -22.45
N GLU A 184 -9.35 -5.61 -22.08
CA GLU A 184 -10.27 -5.73 -20.93
C GLU A 184 -9.61 -5.42 -19.61
N ILE A 185 -8.44 -6.02 -19.39
CA ILE A 185 -7.84 -6.07 -18.06
C ILE A 185 -7.09 -4.82 -17.65
N PHE A 186 -6.25 -4.28 -18.52
CA PHE A 186 -5.19 -3.38 -18.07
C PHE A 186 -5.60 -1.91 -18.02
N ASN A 187 -6.65 -1.64 -17.26
CA ASN A 187 -6.94 -0.30 -16.77
C ASN A 187 -6.01 -0.02 -15.59
N TYR A 188 -5.73 1.25 -15.35
CA TYR A 188 -4.81 1.66 -14.31
C TYR A 188 -5.03 3.12 -13.94
N TYR A 189 -4.41 3.52 -12.83
CA TYR A 189 -4.46 4.90 -12.36
C TYR A 189 -3.09 5.52 -12.56
N SER A 190 -3.05 6.65 -13.25
CA SER A 190 -1.80 7.37 -13.43
C SER A 190 -1.88 8.66 -12.64
N ILE A 191 -0.73 9.08 -12.13
CA ILE A 191 -0.64 10.27 -11.29
C ILE A 191 0.20 11.30 -12.03
N LYS A 192 -0.24 12.55 -11.96
CA LYS A 192 0.40 13.66 -12.66
C LYS A 192 0.35 14.91 -11.79
N SER A 193 1.38 15.75 -11.91
CA SER A 193 1.38 17.03 -11.22
C SER A 193 0.62 18.06 -12.05
N LEU A 194 -0.19 18.85 -11.36
CA LEU A 194 -1.03 19.85 -12.01
C LEU A 194 -0.31 21.16 -12.35
N LYS A 195 0.79 21.44 -11.65
CA LYS A 195 1.44 22.76 -11.76
C LYS A 195 2.89 22.70 -12.23
N SER A 196 3.34 21.49 -12.52
CA SER A 196 4.71 21.25 -12.92
C SER A 196 4.75 20.13 -13.95
N ASN A 197 5.75 20.17 -14.82
CA ASN A 197 5.90 19.19 -15.90
C ASN A 197 7.36 18.76 -16.09
N TRP B 8 -2.97 22.17 8.44
CA TRP B 8 -2.71 21.04 9.39
C TRP B 8 -1.24 21.03 9.79
N GLU B 9 -0.98 20.87 11.08
CA GLU B 9 0.39 20.60 11.54
C GLU B 9 0.72 19.19 11.07
N GLU B 10 2.00 18.88 10.93
CA GLU B 10 2.39 17.53 10.50
C GLU B 10 1.97 16.47 11.52
N GLN B 11 1.45 15.36 11.01
CA GLN B 11 0.89 14.31 11.85
C GLN B 11 1.78 13.08 11.88
N VAL B 12 1.51 12.21 12.86
CA VAL B 12 2.09 10.88 12.94
C VAL B 12 0.97 9.88 13.11
N PHE B 13 1.12 8.72 12.47
CA PHE B 13 0.17 7.64 12.58
C PHE B 13 0.54 6.87 13.82
N LEU B 14 -0.37 6.82 14.76
CA LEU B 14 -0.12 6.10 16.01
C LEU B 14 -0.91 4.82 15.95
N PRO B 15 -0.21 3.67 15.75
CA PRO B 15 -1.02 2.44 15.72
C PRO B 15 -1.59 2.11 17.11
N ILE B 16 -2.83 1.63 17.12
CA ILE B 16 -3.46 1.19 18.36
C ILE B 16 -3.41 -0.35 18.40
N THR B 17 -2.59 -0.89 19.29
CA THR B 17 -2.52 -2.33 19.51
C THR B 17 -2.64 -2.68 20.99
N ASN B 18 -2.72 -3.98 21.27
CA ASN B 18 -2.69 -4.46 22.64
C ASN B 18 -1.41 -4.16 23.41
N SER B 19 -0.34 -3.72 22.73
CA SER B 19 0.95 -3.55 23.40
C SER B 19 1.39 -2.10 23.63
N ILE B 20 0.57 -1.13 23.22
CA ILE B 20 0.95 0.26 23.39
C ILE B 20 0.72 0.71 24.83
N SER B 21 1.46 1.74 25.24
CA SER B 21 1.35 2.28 26.59
C SER B 21 1.91 3.69 26.63
N SER B 22 1.40 4.47 27.58
CA SER B 22 1.91 5.79 27.86
C SER B 22 3.25 5.69 28.56
N GLU B 23 4.20 6.53 28.15
CA GLU B 23 5.53 6.59 28.77
C GLU B 23 5.87 8.03 29.13
N ASP B 24 6.88 8.21 29.98
CA ASP B 24 7.16 9.52 30.59
C ASP B 24 7.45 10.67 29.63
N ASN B 25 6.72 11.78 29.83
CA ASN B 25 6.89 13.06 29.13
C ASN B 25 6.38 13.03 27.68
N ASN B 26 5.07 12.94 27.56
CA ASN B 26 4.37 13.11 26.28
C ASN B 26 4.69 12.05 25.21
N GLN B 27 4.99 10.83 25.66
CA GLN B 27 5.34 9.72 24.75
C GLN B 27 4.42 8.53 24.86
N ILE B 28 4.15 7.91 23.71
CA ILE B 28 3.45 6.63 23.67
C ILE B 28 4.42 5.60 23.09
N LYS B 29 4.72 4.57 23.86
CA LYS B 29 5.47 3.43 23.38
C LYS B 29 4.55 2.54 22.57
N ILE B 30 4.88 2.35 21.30
CA ILE B 30 4.13 1.44 20.45
C ILE B 30 4.70 0.02 20.63
N GLY B 31 6.01 -0.08 20.68
CA GLY B 31 6.68 -1.35 20.90
C GLY B 31 8.13 -1.11 21.21
N SER B 32 8.96 -2.15 21.18
CA SER B 32 10.37 -2.02 21.56
C SER B 32 11.21 -1.17 20.59
N SER B 33 10.75 -1.01 19.36
CA SER B 33 11.49 -0.24 18.37
C SER B 33 10.88 1.10 18.06
N VAL B 34 9.66 1.35 18.54
CA VAL B 34 8.92 2.55 18.18
C VAL B 34 8.30 3.26 19.37
N SER B 35 8.62 4.55 19.49
CA SER B 35 7.97 5.45 20.42
C SER B 35 7.58 6.71 19.65
N ILE B 36 6.43 7.26 20.02
CA ILE B 36 5.87 8.46 19.40
C ILE B 36 5.62 9.54 20.46
N GLU B 37 6.13 10.74 20.19
CA GLU B 37 5.83 11.90 20.99
C GLU B 37 4.62 12.63 20.41
N TYR B 38 3.72 13.11 21.26
CA TYR B 38 2.62 13.94 20.81
C TYR B 38 2.84 15.35 21.33
N ASN B 39 2.48 16.34 20.51
CA ASN B 39 2.57 17.72 20.89
C ASN B 39 1.34 18.02 21.75
N GLN B 40 1.56 18.46 22.99
CA GLN B 40 0.43 18.65 23.90
CA GLN B 40 0.48 18.72 23.94
C GLN B 40 -0.54 19.70 23.36
N ASN B 41 -0.02 20.77 22.75
CA ASN B 41 -0.88 21.79 22.15
C ASN B 41 -1.03 21.68 20.63
N GLY B 42 -0.66 20.55 20.06
CA GLY B 42 -0.84 20.33 18.63
C GLY B 42 -2.30 20.17 18.24
N GLN B 43 -2.58 20.34 16.94
CA GLN B 43 -3.91 20.10 16.39
C GLN B 43 -3.91 18.72 15.75
N HIS B 44 -4.74 17.83 16.27
CA HIS B 44 -4.75 16.44 15.88
C HIS B 44 -5.84 16.20 14.84
N VAL B 45 -5.54 15.42 13.81
CA VAL B 45 -6.56 15.04 12.84
C VAL B 45 -7.65 14.16 13.48
N SER B 46 -7.21 13.13 14.21
CA SER B 46 -8.11 12.32 14.99
C SER B 46 -8.57 13.17 16.18
N GLN B 47 -9.84 13.03 16.51
CA GLN B 47 -10.47 13.89 17.51
C GLN B 47 -11.45 13.17 18.37
N ILE B 48 -11.61 13.66 19.60
CA ILE B 48 -12.69 13.20 20.48
C ILE B 48 -13.67 14.32 20.77
N ASP B 49 -14.93 13.96 20.97
CA ASP B 49 -15.94 14.91 21.39
C ASP B 49 -17.05 14.18 22.13
N ASP B 50 -18.19 14.84 22.33
CA ASP B 50 -19.27 14.26 23.10
C ASP B 50 -19.98 13.10 22.38
N LYS B 51 -19.59 12.83 21.13
CA LYS B 51 -20.13 11.66 20.41
C LYS B 51 -19.10 10.53 20.26
N GLY B 52 -17.87 10.75 20.73
CA GLY B 52 -16.84 9.71 20.73
C GLY B 52 -15.60 10.06 19.91
N LEU B 53 -14.99 9.04 19.32
CA LEU B 53 -13.75 9.16 18.55
C LEU B 53 -14.03 9.33 17.05
N HIS B 54 -13.20 10.11 16.38
CA HIS B 54 -13.42 10.47 14.98
C HIS B 54 -12.11 10.50 14.20
N ASN B 55 -12.23 10.27 12.89
CA ASN B 55 -11.11 10.30 11.94
C ASN B 55 -10.01 9.29 12.28
N ILE B 56 -10.39 8.02 12.24
CA ILE B 56 -9.45 6.94 12.38
C ILE B 56 -8.93 6.53 10.99
N LEU B 57 -7.63 6.33 10.87
CA LEU B 57 -7.04 5.88 9.60
C LEU B 57 -6.92 4.36 9.59
N VAL B 58 -7.43 3.76 8.51
CA VAL B 58 -7.29 2.33 8.27
C VAL B 58 -6.15 2.20 7.25
N LEU B 59 -5.02 1.72 7.72
CA LEU B 59 -3.85 1.57 6.86
C LEU B 59 -3.85 0.16 6.29
N THR B 60 -4.31 0.02 5.05
CA THR B 60 -4.42 -1.28 4.39
C THR B 60 -3.12 -1.64 3.68
N GLY B 61 -2.85 -2.92 3.52
CA GLY B 61 -1.60 -3.38 2.89
C GLY B 61 -0.46 -3.44 3.89
N TYR B 62 -0.79 -3.27 5.16
CA TYR B 62 0.20 -3.28 6.25
C TYR B 62 -0.32 -4.15 7.38
N ALA B 63 0.62 -4.80 8.05
CA ALA B 63 0.38 -5.46 9.32
C ALA B 63 1.40 -4.92 10.33
N ILE B 64 1.20 -5.12 11.62
CA ILE B 64 2.16 -4.63 12.63
C ILE B 64 2.95 -5.77 13.30
N ASP B 65 4.24 -5.55 13.49
CA ASP B 65 5.03 -6.41 14.35
C ASP B 65 4.74 -5.93 15.76
N GLU B 66 3.83 -6.60 16.43
CA GLU B 66 3.28 -6.02 17.65
C GLU B 66 4.34 -5.81 18.74
N SER B 67 5.30 -6.73 18.85
CA SER B 67 6.37 -6.59 19.85
C SER B 67 7.28 -5.37 19.60
N THR B 68 7.65 -5.11 18.34
CA THR B 68 8.56 -3.98 18.05
C THR B 68 7.80 -2.68 17.80
N GLY B 69 6.55 -2.78 17.39
CA GLY B 69 5.73 -1.60 17.10
C GLY B 69 5.88 -1.11 15.68
N GLU B 70 6.65 -1.82 14.85
CA GLU B 70 6.93 -1.40 13.48
C GLU B 70 5.88 -1.89 12.47
N LEU B 71 5.49 -1.00 11.56
CA LEU B 71 4.56 -1.34 10.49
C LEU B 71 5.28 -2.01 9.33
N VAL B 72 4.72 -3.12 8.86
CA VAL B 72 5.33 -3.89 7.77
C VAL B 72 4.42 -3.90 6.55
N PRO B 73 4.95 -3.51 5.37
CA PRO B 73 4.13 -3.62 4.13
C PRO B 73 4.05 -5.08 3.70
N THR B 74 2.85 -5.59 3.57
CA THR B 74 2.65 -7.01 3.32
C THR B 74 2.17 -7.28 1.89
N PHE B 75 1.92 -6.21 1.14
CA PHE B 75 1.37 -6.29 -0.21
C PHE B 75 0.18 -7.26 -0.30
N ASP B 76 -0.61 -7.28 0.77
CA ASP B 76 -1.84 -8.03 0.86
C ASP B 76 -2.89 -7.00 1.22
N PRO B 77 -3.83 -6.71 0.29
CA PRO B 77 -4.83 -5.68 0.58
C PRO B 77 -5.78 -6.01 1.74
N CYS B 78 -5.87 -7.28 2.13
CA CYS B 78 -6.72 -7.66 3.25
C CYS B 78 -6.09 -7.43 4.63
N ASP B 79 -4.78 -7.21 4.69
CA ASP B 79 -4.14 -6.78 5.95
C ASP B 79 -4.40 -5.31 6.20
N TYR B 80 -4.60 -4.93 7.46
CA TYR B 80 -4.63 -3.51 7.81
C TYR B 80 -4.23 -3.33 9.27
N VAL B 81 -3.90 -2.09 9.60
CA VAL B 81 -3.66 -1.67 10.95
C VAL B 81 -4.42 -0.36 11.11
N LYS B 82 -5.15 -0.20 12.20
CA LYS B 82 -5.90 1.05 12.41
C LYS B 82 -5.19 1.94 13.40
N GLY B 83 -5.43 3.24 13.28
CA GLY B 83 -4.73 4.16 14.15
C GLY B 83 -5.25 5.55 14.11
N ILE B 84 -4.66 6.38 14.97
CA ILE B 84 -5.04 7.77 15.05
C ILE B 84 -3.93 8.64 14.48
N LEU B 85 -4.33 9.77 13.92
CA LEU B 85 -3.39 10.74 13.41
C LEU B 85 -3.38 11.89 14.39
N ILE B 86 -2.20 12.20 14.91
CA ILE B 86 -2.01 13.26 15.87
C ILE B 86 -0.79 14.10 15.51
N SER B 87 -0.77 15.33 15.97
CA SER B 87 0.39 16.19 15.85
C SER B 87 1.46 15.65 16.78
N GLY B 88 2.63 15.36 16.24
CA GLY B 88 3.69 14.73 17.02
C GLY B 88 4.82 14.25 16.14
N LYS B 89 5.70 13.42 16.72
CA LYS B 89 6.93 12.98 16.05
C LYS B 89 7.23 11.52 16.37
N ILE B 90 7.79 10.79 15.40
CA ILE B 90 8.30 9.45 15.68
C ILE B 90 9.68 9.63 16.31
N LEU B 91 9.75 9.45 17.63
CA LEU B 91 10.99 9.68 18.37
C LEU B 91 11.94 8.52 18.25
N LYS B 92 11.37 7.33 18.06
CA LYS B 92 12.16 6.13 17.97
C LYS B 92 11.58 5.25 16.88
N GLY B 93 12.46 4.75 16.01
CA GLY B 93 12.06 3.97 14.85
C GLY B 93 12.20 4.77 13.59
N ASN B 94 12.25 4.09 12.46
CA ASN B 94 12.37 4.75 11.18
C ASN B 94 11.00 5.28 10.77
N HIS B 95 10.97 6.22 9.83
CA HIS B 95 9.72 6.89 9.46
C HIS B 95 9.62 7.01 7.95
N PHE B 96 8.39 6.96 7.46
CA PHE B 96 8.06 7.19 6.07
C PHE B 96 7.09 8.35 6.04
N LYS B 97 7.43 9.45 5.38
CA LYS B 97 6.63 10.69 5.43
C LYS B 97 5.86 10.90 4.13
N ILE B 98 4.54 11.09 4.27
CA ILE B 98 3.64 11.41 3.14
C ILE B 98 3.32 12.90 3.23
N ILE B 99 3.57 13.67 2.17
CA ILE B 99 3.38 15.11 2.21
C ILE B 99 2.12 15.55 1.48
N GLY B 100 1.24 16.21 2.21
CA GLY B 100 0.12 16.93 1.60
C GLY B 100 -0.74 16.06 0.70
N ILE B 101 -1.07 14.87 1.18
CA ILE B 101 -2.08 14.06 0.52
C ILE B 101 -3.45 14.70 0.77
N PRO B 102 -4.28 14.84 -0.28
CA PRO B 102 -5.65 15.25 -0.05
C PRO B 102 -6.34 14.33 0.96
N SER B 103 -6.95 14.93 1.98
CA SER B 103 -7.55 14.15 3.06
C SER B 103 -8.63 13.18 2.55
N ASN B 104 -9.33 13.59 1.51
CA ASN B 104 -10.41 12.77 0.93
C ASN B 104 -9.92 11.47 0.27
N LYS B 105 -8.62 11.38 -0.04
CA LYS B 105 -8.03 10.16 -0.63
C LYS B 105 -7.70 9.10 0.41
N LEU B 106 -7.62 9.49 1.68
CA LEU B 106 -7.21 8.59 2.75
C LEU B 106 -8.41 7.76 3.22
N TYR B 107 -8.11 6.55 3.68
CA TYR B 107 -9.11 5.62 4.16
C TYR B 107 -9.39 5.96 5.63
N ILE B 108 -10.15 7.02 5.82
CA ILE B 108 -10.49 7.52 7.16
C ILE B 108 -11.94 7.13 7.48
N ILE B 109 -12.18 6.65 8.69
CA ILE B 109 -13.53 6.27 9.10
C ILE B 109 -13.95 7.14 10.28
N ARG B 110 -15.24 7.09 10.63
CA ARG B 110 -15.82 7.98 11.63
C ARG B 110 -15.44 9.42 11.32
N LYS B 111 -15.60 9.82 10.06
CA LYS B 111 -15.16 11.13 9.59
C LYS B 111 -15.93 12.26 10.25
N LYS B 112 -15.18 13.27 10.70
CA LYS B 112 -15.77 14.52 11.20
C LYS B 112 -14.95 15.72 10.72
N ASP B 113 -15.54 16.55 9.86
CA ASP B 113 -14.89 17.74 9.33
C ASP B 113 -13.49 17.46 8.76
N VAL B 114 -13.41 16.45 7.91
CA VAL B 114 -12.19 16.10 7.19
C VAL B 114 -12.11 16.97 5.95
N HIS B 115 -11.14 17.89 5.89
CA HIS B 115 -10.93 18.69 4.68
C HIS B 115 -9.46 19.07 4.51
N GLY B 116 -9.10 19.55 3.33
CA GLY B 116 -7.74 19.98 3.06
C GLY B 116 -6.82 18.80 2.93
N ASN B 117 -5.53 19.02 3.03
CA ASN B 117 -4.61 17.92 2.86
C ASN B 117 -3.72 17.74 4.09
N ILE B 118 -3.14 16.56 4.17
CA ILE B 118 -2.51 16.11 5.38
C ILE B 118 -1.10 15.61 5.09
N THR B 119 -0.14 16.11 5.85
CA THR B 119 1.18 15.51 5.89
C THR B 119 1.24 14.60 7.12
N PHE B 120 1.61 13.34 6.94
CA PHE B 120 1.76 12.40 8.06
C PHE B 120 2.88 11.40 7.84
N SER B 121 3.41 10.88 8.96
CA SER B 121 4.51 9.94 8.95
C SER B 121 4.11 8.62 9.58
N LEU B 122 4.64 7.54 9.04
CA LEU B 122 4.35 6.18 9.48
C LEU B 122 5.62 5.56 10.04
N PRO B 123 5.51 4.79 11.15
CA PRO B 123 6.68 4.10 11.66
C PRO B 123 6.89 2.77 10.94
N ILE B 124 7.84 2.74 10.03
CA ILE B 124 8.18 1.54 9.27
C ILE B 124 9.44 0.84 9.79
N THR B 131 16.85 -1.78 3.64
CA THR B 131 16.91 -0.90 2.49
C THR B 131 16.09 -1.47 1.31
N TYR B 132 14.98 -0.81 1.02
CA TYR B 132 14.13 -1.08 -0.16
C TYR B 132 13.75 -2.56 -0.39
N GLN B 133 13.41 -3.23 0.71
CA GLN B 133 12.87 -4.58 0.61
C GLN B 133 12.02 -4.90 1.81
N VAL B 134 11.14 -5.90 1.65
CA VAL B 134 10.44 -6.49 2.77
C VAL B 134 10.63 -7.99 2.70
N ASP B 135 10.99 -8.57 3.83
CA ASP B 135 11.28 -9.99 3.87
C ASP B 135 10.09 -10.68 4.54
N LEU B 136 9.24 -11.32 3.74
CA LEU B 136 8.04 -11.98 4.27
C LEU B 136 8.18 -13.50 4.36
N ARG B 137 9.41 -14.00 4.21
CA ARG B 137 9.68 -15.42 4.38
C ARG B 137 9.46 -15.79 5.86
N ASP B 138 8.90 -16.97 6.11
CA ASP B 138 8.61 -17.41 7.49
C ASP B 138 7.76 -16.38 8.25
N LYS B 139 6.75 -15.80 7.60
CA LYS B 139 5.88 -14.83 8.25
C LYS B 139 4.43 -15.05 7.86
N VAL B 140 3.55 -14.86 8.84
CA VAL B 140 2.10 -15.00 8.65
C VAL B 140 1.41 -13.85 9.43
N THR B 141 0.43 -13.20 8.80
CA THR B 141 -0.37 -12.18 9.48
C THR B 141 -1.64 -12.79 10.03
N SER B 142 -2.08 -12.29 11.19
CA SER B 142 -3.27 -12.78 11.82
C SER B 142 -4.08 -11.59 12.36
N PHE B 143 -5.39 -11.78 12.34
CA PHE B 143 -6.33 -10.81 12.85
C PHE B 143 -6.30 -10.78 14.36
N VAL B 144 -6.26 -9.58 14.93
CA VAL B 144 -6.23 -9.40 16.37
C VAL B 144 -7.22 -8.32 16.78
N SER B 145 -8.01 -8.59 17.81
CA SER B 145 -8.86 -7.54 18.38
C SER B 145 -8.32 -7.10 19.73
N LEU B 146 -8.68 -5.90 20.15
CA LEU B 146 -8.23 -5.37 21.43
C LEU B 146 -8.91 -6.06 22.57
N ASP B 147 -8.10 -6.51 23.52
CA ASP B 147 -8.59 -6.95 24.81
C ASP B 147 -9.28 -5.76 25.53
N ARG B 148 -10.42 -6.01 26.16
CA ARG B 148 -11.21 -4.96 26.80
C ARG B 148 -10.50 -4.24 27.95
N ASP B 149 -9.71 -5.01 28.70
CA ASP B 149 -8.90 -4.45 29.79
C ASP B 149 -7.93 -3.45 29.18
N VAL B 150 -7.38 -3.80 28.02
CA VAL B 150 -6.41 -2.95 27.33
C VAL B 150 -7.05 -1.72 26.67
N ALA B 151 -8.21 -1.89 26.04
CA ALA B 151 -8.98 -0.74 25.54
C ALA B 151 -9.22 0.31 26.63
N LYS B 152 -9.51 -0.17 27.84
CA LYS B 152 -9.78 0.69 28.99
C LYS B 152 -8.52 1.47 29.39
N THR B 153 -7.41 0.74 29.47
CA THR B 153 -6.13 1.38 29.76
C THR B 153 -5.73 2.31 28.64
N ILE B 154 -6.03 1.96 27.39
CA ILE B 154 -5.76 2.85 26.26
C ILE B 154 -6.51 4.17 26.40
N VAL B 155 -7.80 4.11 26.78
CA VAL B 155 -8.56 5.34 26.99
C VAL B 155 -8.00 6.11 28.19
N ASP B 156 -7.82 5.41 29.32
CA ASP B 156 -7.45 6.03 30.58
C ASP B 156 -6.03 6.60 30.59
N ASN B 157 -5.10 5.91 29.92
CA ASN B 157 -3.65 6.24 29.99
C ASN B 157 -3.07 6.86 28.72
N VAL B 158 -3.72 6.66 27.57
CA VAL B 158 -3.25 7.21 26.30
C VAL B 158 -4.15 8.34 25.82
N LEU B 159 -5.39 8.02 25.44
CA LEU B 159 -6.30 9.04 24.92
C LEU B 159 -6.53 10.12 25.95
N ALA B 160 -6.60 9.74 27.22
CA ALA B 160 -6.84 10.73 28.28
C ALA B 160 -5.66 11.66 28.48
N LYS B 161 -4.47 11.29 28.00
CA LYS B 161 -3.33 12.20 28.02
C LYS B 161 -3.29 13.03 26.73
N ILE B 162 -3.48 12.39 25.58
CA ILE B 162 -3.38 13.12 24.30
C ILE B 162 -4.50 14.17 24.25
N TYR B 163 -5.70 13.77 24.62
CA TYR B 163 -6.89 14.63 24.54
C TYR B 163 -7.36 15.05 25.96
N ALA B 164 -6.41 15.35 26.84
CA ALA B 164 -6.70 15.62 28.25
C ALA B 164 -7.78 16.68 28.45
N LYS B 165 -7.69 17.79 27.73
CA LYS B 165 -8.62 18.91 27.92
C LYS B 165 -10.05 18.54 27.51
N ILE B 166 -10.23 17.94 26.35
CA ILE B 166 -11.58 17.47 25.98
C ILE B 166 -12.03 16.32 26.89
N TYR B 167 -11.12 15.38 27.15
CA TYR B 167 -11.49 14.20 27.93
C TYR B 167 -12.00 14.60 29.33
N ASN B 168 -11.23 15.49 29.97
CA ASN B 168 -11.61 16.00 31.28
C ASN B 168 -12.96 16.75 31.24
N SER B 169 -13.32 17.32 30.09
CA SER B 169 -14.62 18.01 29.95
C SER B 169 -15.80 17.07 29.75
N LEU B 170 -15.54 15.84 29.34
CA LEU B 170 -16.59 14.85 29.13
C LEU B 170 -17.19 14.35 30.46
N ASN B 171 -18.49 14.05 30.46
CA ASN B 171 -19.11 13.40 31.60
C ASN B 171 -18.78 11.90 31.58
N LYS B 172 -19.22 11.16 32.59
CA LYS B 172 -18.85 9.75 32.72
C LYS B 172 -19.31 8.92 31.54
N GLU B 173 -20.55 9.13 31.10
CA GLU B 173 -21.13 8.31 30.04
C GLU B 173 -20.41 8.55 28.71
N GLN B 174 -20.10 9.82 28.44
CA GLN B 174 -19.32 10.19 27.28
C GLN B 174 -17.88 9.63 27.31
N LYS B 175 -17.25 9.60 28.48
CA LYS B 175 -15.94 8.92 28.62
C LYS B 175 -16.07 7.43 28.28
N ASP B 176 -17.11 6.80 28.83
CA ASP B 176 -17.38 5.40 28.59
C ASP B 176 -17.70 5.13 27.11
N LYS B 177 -18.37 6.06 26.42
CA LYS B 177 -18.62 5.90 24.97
C LYS B 177 -17.31 5.79 24.18
N LEU B 178 -16.35 6.66 24.52
CA LEU B 178 -15.00 6.59 23.94
C LEU B 178 -14.39 5.19 24.09
N TYR B 179 -14.52 4.62 25.27
CA TYR B 179 -14.02 3.27 25.50
C TYR B 179 -14.71 2.21 24.61
N ARG B 180 -16.04 2.31 24.46
CA ARG B 180 -16.76 1.36 23.61
C ARG B 180 -16.31 1.52 22.15
N ASP B 181 -16.19 2.77 21.71
CA ASP B 181 -15.63 3.09 20.40
C ASP B 181 -14.27 2.43 20.20
N VAL B 182 -13.36 2.63 21.13
CA VAL B 182 -12.01 2.09 21.00
C VAL B 182 -12.04 0.56 20.88
N GLU B 183 -12.85 -0.05 21.75
CA GLU B 183 -13.09 -1.50 21.76
CA GLU B 183 -12.99 -1.51 21.75
C GLU B 183 -13.53 -2.03 20.40
N GLU B 184 -14.52 -1.35 19.84
CA GLU B 184 -15.16 -1.79 18.59
C GLU B 184 -14.28 -1.55 17.37
N ILE B 185 -13.60 -0.41 17.37
CA ILE B 185 -12.94 0.07 16.18
C ILE B 185 -11.61 -0.59 15.99
N PHE B 186 -10.82 -0.67 17.04
CA PHE B 186 -9.41 -1.02 16.90
C PHE B 186 -9.17 -2.51 16.87
N ASN B 187 -8.96 -2.98 15.66
CA ASN B 187 -8.45 -4.31 15.45
C ASN B 187 -7.53 -4.20 14.24
N TYR B 188 -6.70 -5.21 14.06
CA TYR B 188 -5.54 -5.05 13.22
C TYR B 188 -4.95 -6.38 12.91
N TYR B 189 -4.02 -6.36 11.96
CA TYR B 189 -3.31 -7.54 11.54
C TYR B 189 -1.90 -7.49 12.08
N SER B 190 -1.54 -8.58 12.75
CA SER B 190 -0.29 -8.72 13.44
C SER B 190 0.57 -9.71 12.67
N ILE B 191 1.82 -9.35 12.38
CA ILE B 191 2.73 -10.21 11.60
C ILE B 191 3.71 -10.93 12.53
N LYS B 192 3.75 -12.26 12.43
CA LYS B 192 4.52 -13.12 13.33
C LYS B 192 5.41 -13.99 12.48
N SER B 193 6.67 -14.11 12.88
CA SER B 193 7.65 -14.86 12.10
C SER B 193 7.62 -16.35 12.47
#